data_8AIN
#
_entry.id   8AIN
#
_cell.length_a   91.522
_cell.length_b   91.522
_cell.length_c   158.620
_cell.angle_alpha   90.000
_cell.angle_beta   90.000
_cell.angle_gamma   120.000
#
_symmetry.space_group_name_H-M   'P 63 2 2'
#
loop_
_entity.id
_entity.type
_entity.pdbx_description
1 polymer 'Uracil-DNA glycosylase'
2 polymer MCUGI
3 non-polymer 1,2-ETHANEDIOL
4 non-polymer 'SULFATE ION'
5 water water
#
loop_
_entity_poly.entity_id
_entity_poly.type
_entity_poly.pdbx_seq_one_letter_code
_entity_poly.pdbx_strand_id
1 'polypeptide(L)'
;MEWSQIFHDITTKHDFKAMHDFLEKEYSTAIVYPDRENIYQAFDLTPFENIKVVILGQDPYHGPNQAHGLAFSVQPNAKF
PPSLRNMYKELADDIGCVRQTPHLQDWAREGVLLLNTVLTVRQGEANSHRDIGWETFTDEIIKAVSDYKEHVVFILWGKP
AQQKIKLIDTSKHCIIKSVHPSPLSAYRGFFGSKPYSKANTYLESVGKSPINWCESEALEHHHHHH
;
A
2 'polypeptide(L)'
;MKQIKAHLTRYLEEILKLSSQEYLTEFVQLGIEELAWGERKIPEKLKGAIIDTYTFYDHSLIKDYIYSFIGTYQGKIILV
GYTNGEYEHFFYINDTVKTLHSELHLLNLTEEDLEFVNVG
;
B
#
loop_
_chem_comp.id
_chem_comp.type
_chem_comp.name
_chem_comp.formula
EDO non-polymer 1,2-ETHANEDIOL 'C2 H6 O2'
SO4 non-polymer 'SULFATE ION' 'O4 S -2'
#
# COMPACT_ATOMS: atom_id res chain seq x y z
N MET A 1 -23.42 -16.18 3.21
CA MET A 1 -22.98 -16.21 1.80
C MET A 1 -21.46 -16.48 1.70
N GLU A 2 -21.04 -17.07 0.58
CA GLU A 2 -19.66 -17.56 0.39
C GLU A 2 -18.99 -16.76 -0.72
N TRP A 3 -17.67 -16.65 -0.68
CA TRP A 3 -16.88 -15.94 -1.72
C TRP A 3 -17.19 -16.53 -3.11
N SER A 4 -17.44 -17.85 -3.19
CA SER A 4 -17.56 -18.56 -4.49
C SER A 4 -18.79 -18.07 -5.26
N GLN A 5 -19.88 -17.74 -4.55
CA GLN A 5 -21.08 -17.15 -5.22
C GLN A 5 -20.68 -15.76 -5.72
N ILE A 6 -20.12 -14.97 -4.83
CA ILE A 6 -19.71 -13.57 -5.15
C ILE A 6 -18.75 -13.61 -6.32
N PHE A 7 -17.72 -14.45 -6.25
CA PHE A 7 -16.72 -14.59 -7.32
C PHE A 7 -17.45 -14.95 -8.62
N HIS A 8 -18.43 -15.85 -8.57
CA HIS A 8 -19.25 -16.27 -9.75
C HIS A 8 -19.95 -15.05 -10.39
N ASP A 9 -20.62 -14.22 -9.59
CA ASP A 9 -21.27 -12.97 -10.08
C ASP A 9 -20.26 -12.12 -10.81
N ILE A 10 -19.11 -11.87 -10.19
CA ILE A 10 -18.12 -10.89 -10.73
C ILE A 10 -17.59 -11.43 -12.06
N THR A 11 -17.34 -12.74 -12.10
CA THR A 11 -16.69 -13.41 -13.26
C THR A 11 -17.69 -13.58 -14.40
N THR A 12 -19.00 -13.39 -14.14
CA THR A 12 -20.08 -13.41 -15.17
C THR A 12 -20.48 -11.97 -15.54
N LYS A 13 -20.29 -10.99 -14.66
CA LYS A 13 -20.51 -9.54 -14.98
C LYS A 13 -19.44 -9.03 -15.94
N HIS A 14 -18.22 -9.55 -15.82
CA HIS A 14 -17.04 -9.16 -16.65
C HIS A 14 -16.34 -10.42 -17.17
N ASP A 15 -15.58 -10.30 -18.25
CA ASP A 15 -14.90 -11.44 -18.92
C ASP A 15 -13.43 -11.43 -18.51
N PHE A 16 -13.10 -12.10 -17.40
CA PHE A 16 -11.71 -12.25 -16.92
C PHE A 16 -10.98 -13.38 -17.64
N LYS A 17 -11.46 -13.87 -18.79
CA LYS A 17 -10.77 -14.99 -19.49
C LYS A 17 -9.39 -14.51 -19.98
N ALA A 18 -9.37 -13.32 -20.58
N ALA A 18 -9.37 -13.33 -20.60
CA ALA A 18 -8.15 -12.68 -21.13
CA ALA A 18 -8.16 -12.67 -21.14
C ALA A 18 -7.13 -12.54 -20.01
C ALA A 18 -7.13 -12.50 -20.02
N MET A 19 -7.58 -12.14 -18.82
CA MET A 19 -6.70 -11.99 -17.64
C MET A 19 -6.19 -13.36 -17.19
N HIS A 20 -7.06 -14.39 -17.14
CA HIS A 20 -6.71 -15.75 -16.66
C HIS A 20 -5.61 -16.32 -17.58
N ASP A 21 -5.79 -16.19 -18.90
CA ASP A 21 -4.86 -16.73 -19.93
C ASP A 21 -3.50 -16.05 -19.80
N PHE A 22 -3.54 -14.73 -19.61
CA PHE A 22 -2.38 -13.84 -19.37
C PHE A 22 -1.58 -14.34 -18.17
N LEU A 23 -2.22 -14.50 -17.01
CA LEU A 23 -1.54 -14.86 -15.74
C LEU A 23 -1.04 -16.30 -15.83
N GLU A 24 -1.66 -17.10 -16.70
CA GLU A 24 -1.18 -18.47 -16.99
C GLU A 24 0.20 -18.35 -17.63
N LYS A 25 0.34 -17.56 -18.71
CA LYS A 25 1.67 -17.31 -19.37
C LYS A 25 2.63 -16.71 -18.33
N GLU A 26 2.22 -15.71 -17.56
CA GLU A 26 3.10 -15.02 -16.57
C GLU A 26 3.71 -16.04 -15.61
N TYR A 27 2.89 -16.91 -15.05
CA TYR A 27 3.31 -17.87 -14.01
C TYR A 27 4.19 -18.97 -14.60
N SER A 28 4.16 -19.17 -15.92
CA SER A 28 4.92 -20.24 -16.61
C SER A 28 6.08 -19.67 -17.44
N THR A 29 6.21 -18.33 -17.52
CA THR A 29 7.22 -17.60 -18.35
C THR A 29 7.79 -16.38 -17.61
N ALA A 30 7.55 -16.27 -16.31
CA ALA A 30 8.01 -15.15 -15.46
C ALA A 30 8.18 -15.67 -14.03
N ILE A 31 8.67 -14.83 -13.13
CA ILE A 31 8.62 -15.10 -11.67
C ILE A 31 7.54 -14.16 -11.14
N VAL A 32 6.34 -14.67 -10.84
CA VAL A 32 5.21 -13.84 -10.34
C VAL A 32 4.99 -14.14 -8.87
N TYR A 33 4.67 -13.12 -8.09
CA TYR A 33 4.24 -13.24 -6.68
C TYR A 33 2.79 -12.80 -6.54
N PRO A 34 2.03 -13.37 -5.56
CA PRO A 34 2.52 -14.48 -4.73
C PRO A 34 2.45 -15.81 -5.50
N ASP A 35 2.69 -16.94 -4.84
CA ASP A 35 2.46 -18.31 -5.40
C ASP A 35 1.05 -18.33 -5.97
N ARG A 36 0.83 -18.97 -7.12
CA ARG A 36 -0.51 -19.10 -7.73
C ARG A 36 -1.52 -19.54 -6.65
N GLU A 37 -1.14 -20.45 -5.75
CA GLU A 37 -2.06 -21.04 -4.75
C GLU A 37 -2.51 -20.00 -3.72
N ASN A 38 -1.77 -18.91 -3.55
CA ASN A 38 -1.96 -17.88 -2.49
C ASN A 38 -2.61 -16.60 -2.99
N ILE A 39 -2.87 -16.49 -4.29
CA ILE A 39 -3.47 -15.28 -4.92
C ILE A 39 -4.68 -14.79 -4.11
N TYR A 40 -5.49 -15.72 -3.56
CA TYR A 40 -6.73 -15.44 -2.81
C TYR A 40 -6.57 -15.79 -1.32
N GLN A 41 -5.36 -15.75 -0.77
CA GLN A 41 -5.13 -16.19 0.63
C GLN A 41 -6.04 -15.40 1.58
N ALA A 42 -6.33 -14.13 1.24
CA ALA A 42 -7.19 -13.23 2.04
C ALA A 42 -8.59 -13.83 2.15
N PHE A 43 -9.12 -14.30 1.03
CA PHE A 43 -10.50 -14.84 0.92
C PHE A 43 -10.57 -16.20 1.59
N ASP A 44 -9.56 -17.03 1.34
CA ASP A 44 -9.27 -18.29 2.06
C ASP A 44 -9.47 -18.10 3.58
N LEU A 45 -8.71 -17.18 4.21
CA LEU A 45 -8.56 -17.11 5.70
C LEU A 45 -9.59 -16.16 6.32
N THR A 46 -10.28 -15.35 5.50
CA THR A 46 -11.38 -14.48 5.97
C THR A 46 -12.59 -14.78 5.11
N PRO A 47 -13.27 -15.92 5.39
CA PRO A 47 -14.51 -16.28 4.73
C PRO A 47 -15.52 -15.13 4.80
N PHE A 48 -16.32 -15.00 3.75
CA PHE A 48 -17.20 -13.84 3.49
C PHE A 48 -18.04 -13.43 4.71
N GLU A 49 -18.66 -14.40 5.37
CA GLU A 49 -19.56 -14.13 6.52
C GLU A 49 -18.70 -13.89 7.77
N ASN A 50 -17.37 -13.95 7.69
CA ASN A 50 -16.50 -13.60 8.86
C ASN A 50 -15.92 -12.19 8.74
N ILE A 51 -16.16 -11.49 7.63
CA ILE A 51 -15.62 -10.10 7.49
C ILE A 51 -16.27 -9.19 8.54
N LYS A 52 -15.45 -8.73 9.49
CA LYS A 52 -15.76 -7.58 10.38
C LYS A 52 -15.10 -6.30 9.85
N VAL A 53 -13.92 -6.40 9.22
CA VAL A 53 -13.03 -5.26 8.86
C VAL A 53 -12.36 -5.51 7.51
N VAL A 54 -12.24 -4.47 6.69
CA VAL A 54 -11.54 -4.52 5.36
C VAL A 54 -10.37 -3.54 5.39
N ILE A 55 -9.15 -4.02 5.20
CA ILE A 55 -7.98 -3.11 5.06
C ILE A 55 -7.50 -3.24 3.62
N LEU A 56 -7.55 -2.16 2.84
CA LEU A 56 -6.99 -2.13 1.46
C LEU A 56 -5.47 -1.85 1.52
N GLY A 57 -4.71 -2.68 0.82
CA GLY A 57 -3.36 -2.37 0.36
C GLY A 57 -3.49 -1.97 -1.08
N GLN A 58 -2.38 -1.95 -1.82
CA GLN A 58 -2.37 -1.63 -3.26
C GLN A 58 -1.82 -2.85 -4.00
N ASP A 59 -0.50 -2.98 -3.98
CA ASP A 59 0.33 -3.87 -4.83
C ASP A 59 0.89 -4.96 -3.93
N PRO A 60 1.01 -6.24 -4.37
CA PRO A 60 1.69 -7.21 -3.53
C PRO A 60 3.20 -6.84 -3.50
N TYR A 61 3.86 -7.06 -2.37
CA TYR A 61 5.34 -6.98 -2.25
C TYR A 61 5.98 -7.71 -3.43
N HIS A 62 6.89 -7.05 -4.17
CA HIS A 62 7.51 -7.57 -5.42
C HIS A 62 8.81 -8.32 -5.14
N GLY A 63 9.26 -8.40 -3.88
CA GLY A 63 10.50 -9.09 -3.48
C GLY A 63 10.29 -10.55 -3.05
N PRO A 64 11.38 -11.33 -3.03
CA PRO A 64 11.30 -12.74 -2.65
C PRO A 64 11.09 -12.90 -1.14
N ASN A 65 10.36 -13.94 -0.75
CA ASN A 65 9.90 -14.23 0.64
C ASN A 65 9.21 -13.01 1.25
N GLN A 66 8.25 -12.40 0.55
CA GLN A 66 7.41 -11.27 1.08
C GLN A 66 5.91 -11.58 0.92
N ALA A 67 5.39 -11.41 -0.28
CA ALA A 67 3.96 -11.62 -0.64
C ALA A 67 3.56 -13.08 -0.37
N HIS A 68 2.38 -13.24 0.20
CA HIS A 68 1.75 -14.56 0.33
C HIS A 68 0.22 -14.46 0.18
N GLY A 69 -0.32 -13.29 -0.21
CA GLY A 69 -1.76 -13.16 -0.55
C GLY A 69 -2.56 -12.30 0.41
N LEU A 70 -1.88 -11.64 1.35
CA LEU A 70 -2.51 -10.65 2.24
C LEU A 70 -1.81 -9.30 2.07
N ALA A 71 -2.59 -8.24 1.97
CA ALA A 71 -2.13 -6.84 2.02
C ALA A 71 -1.27 -6.70 3.29
N PHE A 72 -0.05 -6.20 3.13
CA PHE A 72 0.87 -5.68 4.19
C PHE A 72 1.70 -6.80 4.82
N SER A 73 1.26 -8.06 4.68
CA SER A 73 1.85 -9.23 5.38
C SER A 73 3.05 -9.76 4.59
N VAL A 74 4.13 -10.10 5.27
CA VAL A 74 5.28 -10.84 4.69
C VAL A 74 5.39 -12.18 5.41
N GLN A 75 6.09 -13.15 4.84
CA GLN A 75 6.17 -14.51 5.42
C GLN A 75 6.88 -14.42 6.78
N PRO A 76 6.60 -15.37 7.72
CA PRO A 76 7.09 -15.30 9.09
C PRO A 76 8.56 -14.85 9.24
N ASN A 77 9.47 -15.58 8.59
CA ASN A 77 10.94 -15.38 8.63
C ASN A 77 11.30 -13.99 8.09
N ALA A 78 10.58 -13.43 7.12
CA ALA A 78 10.97 -12.21 6.35
C ALA A 78 11.15 -11.02 7.29
N LYS A 79 11.74 -9.93 6.79
CA LYS A 79 12.02 -8.71 7.60
C LYS A 79 10.98 -7.63 7.28
N PHE A 80 10.66 -6.79 8.26
CA PHE A 80 9.61 -5.72 8.21
C PHE A 80 9.88 -4.67 7.14
N PRO A 81 8.99 -4.47 6.13
CA PRO A 81 9.04 -3.28 5.28
C PRO A 81 8.50 -2.05 6.01
N PRO A 82 8.78 -0.85 5.49
CA PRO A 82 8.50 0.39 6.21
C PRO A 82 7.03 0.54 6.64
N SER A 83 6.10 0.66 5.68
CA SER A 83 4.63 0.79 5.93
C SER A 83 4.22 -0.12 7.09
N LEU A 84 4.69 -1.36 7.08
CA LEU A 84 4.35 -2.38 8.11
C LEU A 84 5.03 -2.04 9.44
N ARG A 85 6.29 -1.60 9.45
CA ARG A 85 6.95 -1.18 10.73
C ARG A 85 6.10 -0.09 11.40
N ASN A 86 5.55 0.82 10.59
CA ASN A 86 4.80 2.01 11.10
C ASN A 86 3.43 1.57 11.60
N MET A 87 2.71 0.77 10.81
CA MET A 87 1.47 0.07 11.22
C MET A 87 1.63 -0.54 12.61
N TYR A 88 2.77 -1.13 12.93
CA TYR A 88 3.03 -1.78 14.24
C TYR A 88 3.28 -0.71 15.31
N LYS A 89 3.98 0.39 15.01
CA LYS A 89 4.26 1.51 15.96
C LYS A 89 2.94 2.14 16.40
N GLU A 90 2.04 2.39 15.44
CA GLU A 90 0.70 2.96 15.70
C GLU A 90 -0.14 1.95 16.48
N LEU A 91 -0.01 0.65 16.21
CA LEU A 91 -0.75 -0.42 16.93
C LEU A 91 -0.28 -0.44 18.38
N ALA A 92 1.04 -0.36 18.60
CA ALA A 92 1.70 -0.28 19.91
C ALA A 92 1.09 0.89 20.71
N ASP A 93 0.92 2.05 20.07
CA ASP A 93 0.33 3.26 20.71
C ASP A 93 -1.18 3.09 20.90
N ASP A 94 -1.88 2.65 19.86
CA ASP A 94 -3.36 2.71 19.85
C ASP A 94 -3.86 1.66 20.84
N ILE A 95 -3.45 0.42 20.65
CA ILE A 95 -4.01 -0.77 21.37
C ILE A 95 -3.13 -1.06 22.60
N GLY A 96 -1.81 -0.88 22.50
CA GLY A 96 -0.87 -1.19 23.59
C GLY A 96 0.08 -2.32 23.25
N CYS A 97 -0.32 -3.30 22.44
CA CYS A 97 0.48 -4.53 22.17
C CYS A 97 1.55 -4.30 21.10
N VAL A 98 2.66 -5.01 21.27
CA VAL A 98 3.86 -4.98 20.39
C VAL A 98 4.00 -6.33 19.68
N ARG A 99 3.55 -6.39 18.43
CA ARG A 99 3.62 -7.62 17.58
C ARG A 99 5.08 -7.82 17.13
N GLN A 100 5.55 -9.06 17.21
CA GLN A 100 6.90 -9.51 16.77
C GLN A 100 6.85 -10.06 15.33
N THR A 101 5.80 -10.80 14.99
CA THR A 101 5.63 -11.45 13.66
C THR A 101 5.09 -10.42 12.69
N PRO A 102 5.71 -10.29 11.51
CA PRO A 102 5.16 -9.47 10.42
C PRO A 102 4.14 -10.24 9.56
N HIS A 103 3.64 -11.35 10.07
CA HIS A 103 2.59 -12.19 9.44
C HIS A 103 1.23 -11.74 9.99
N LEU A 104 0.26 -11.48 9.12
CA LEU A 104 -1.08 -10.98 9.53
C LEU A 104 -2.13 -12.10 9.35
N GLN A 105 -1.72 -13.36 9.20
CA GLN A 105 -2.69 -14.50 9.07
C GLN A 105 -3.72 -14.49 10.22
N ASP A 106 -3.29 -14.23 11.45
CA ASP A 106 -4.17 -14.19 12.65
C ASP A 106 -5.19 -13.06 12.53
N TRP A 107 -4.82 -11.88 12.04
CA TRP A 107 -5.79 -10.80 11.69
C TRP A 107 -6.85 -11.32 10.70
N ALA A 108 -6.44 -12.14 9.71
CA ALA A 108 -7.36 -12.68 8.70
C ALA A 108 -8.34 -13.58 9.45
N ARG A 109 -7.82 -14.50 10.27
CA ARG A 109 -8.63 -15.46 11.06
C ARG A 109 -9.65 -14.68 11.89
N GLU A 110 -9.24 -13.53 12.42
CA GLU A 110 -10.04 -12.70 13.36
C GLU A 110 -11.13 -11.91 12.63
N GLY A 111 -11.11 -11.89 11.29
CA GLY A 111 -12.19 -11.31 10.45
C GLY A 111 -11.77 -10.05 9.73
N VAL A 112 -10.45 -9.78 9.61
CA VAL A 112 -9.87 -8.64 8.84
C VAL A 112 -9.54 -9.12 7.44
N LEU A 113 -10.33 -8.72 6.44
CA LEU A 113 -10.04 -9.03 5.02
C LEU A 113 -8.92 -8.10 4.56
N LEU A 114 -7.69 -8.62 4.48
CA LEU A 114 -6.49 -7.86 4.08
C LEU A 114 -6.34 -7.87 2.55
N LEU A 115 -7.12 -7.03 1.86
CA LEU A 115 -7.28 -7.07 0.38
C LEU A 115 -6.37 -6.04 -0.31
N ASN A 116 -5.39 -6.47 -1.12
CA ASN A 116 -4.69 -5.59 -2.07
C ASN A 116 -5.64 -5.36 -3.24
N THR A 117 -5.44 -4.27 -3.98
CA THR A 117 -6.34 -3.82 -5.08
C THR A 117 -5.87 -4.50 -6.37
N VAL A 118 -4.57 -4.80 -6.43
CA VAL A 118 -3.94 -5.70 -7.44
C VAL A 118 -3.34 -6.91 -6.68
N LEU A 119 -3.53 -8.12 -7.19
CA LEU A 119 -3.24 -9.38 -6.45
C LEU A 119 -2.03 -10.14 -7.00
N THR A 120 -1.46 -9.75 -8.16
CA THR A 120 -0.20 -10.31 -8.70
C THR A 120 0.82 -9.20 -9.00
N VAL A 121 2.07 -9.58 -9.21
CA VAL A 121 3.23 -8.67 -9.52
C VAL A 121 4.39 -9.58 -9.95
N ARG A 122 5.16 -9.17 -10.97
CA ARG A 122 6.43 -9.85 -11.33
C ARG A 122 7.50 -9.45 -10.31
N GLN A 123 8.35 -10.40 -9.95
CA GLN A 123 9.55 -10.18 -9.12
C GLN A 123 10.30 -8.96 -9.67
N GLY A 124 10.58 -8.00 -8.77
CA GLY A 124 11.37 -6.79 -9.05
C GLY A 124 10.56 -5.70 -9.72
N GLU A 125 9.50 -5.99 -10.46
CA GLU A 125 8.80 -4.98 -11.27
C GLU A 125 7.56 -4.46 -10.54
N ALA A 126 7.68 -3.23 -10.05
CA ALA A 126 6.92 -2.65 -8.92
C ALA A 126 5.44 -2.55 -9.27
N ASN A 127 5.06 -2.19 -10.49
CA ASN A 127 3.61 -2.11 -10.82
C ASN A 127 3.37 -2.95 -12.08
N SER A 128 4.04 -4.09 -12.17
CA SER A 128 4.05 -4.94 -13.38
C SER A 128 2.63 -5.28 -13.83
N HIS A 129 1.70 -5.59 -12.90
CA HIS A 129 0.38 -6.22 -13.18
C HIS A 129 -0.79 -5.26 -12.89
N ARG A 130 -0.59 -3.95 -13.02
CA ARG A 130 -1.70 -2.95 -13.01
C ARG A 130 -2.44 -3.08 -14.34
N ASP A 131 -3.76 -2.86 -14.35
CA ASP A 131 -4.53 -2.64 -15.59
C ASP A 131 -4.64 -3.94 -16.39
N ILE A 132 -4.65 -5.11 -15.73
CA ILE A 132 -4.94 -6.44 -16.37
C ILE A 132 -6.34 -6.91 -15.94
N GLY A 133 -7.07 -6.11 -15.16
CA GLY A 133 -8.45 -6.42 -14.76
C GLY A 133 -8.58 -6.66 -13.27
N TRP A 134 -7.48 -6.82 -12.54
CA TRP A 134 -7.52 -6.98 -11.06
C TRP A 134 -8.31 -5.84 -10.44
N GLU A 135 -8.12 -4.60 -10.88
CA GLU A 135 -8.72 -3.45 -10.15
C GLU A 135 -10.24 -3.58 -10.24
N THR A 136 -10.76 -3.96 -11.41
CA THR A 136 -12.19 -4.27 -11.62
C THR A 136 -12.61 -5.31 -10.60
N PHE A 137 -11.79 -6.35 -10.47
CA PHE A 137 -12.09 -7.53 -9.61
C PHE A 137 -12.23 -7.01 -8.18
N THR A 138 -11.24 -6.25 -7.69
CA THR A 138 -11.13 -5.83 -6.27
C THR A 138 -12.17 -4.75 -6.00
N ASP A 139 -12.60 -4.01 -7.04
CA ASP A 139 -13.65 -2.96 -6.92
C ASP A 139 -14.95 -3.68 -6.58
N GLU A 140 -15.21 -4.77 -7.30
CA GLU A 140 -16.43 -5.60 -7.18
C GLU A 140 -16.38 -6.32 -5.84
N ILE A 141 -15.20 -6.62 -5.33
CA ILE A 141 -15.05 -7.20 -3.96
C ILE A 141 -15.41 -6.14 -2.92
N ILE A 142 -14.88 -4.93 -3.01
CA ILE A 142 -15.27 -3.87 -2.03
C ILE A 142 -16.80 -3.65 -2.13
N LYS A 143 -17.35 -3.57 -3.35
CA LYS A 143 -18.80 -3.40 -3.61
C LYS A 143 -19.57 -4.56 -2.93
N ALA A 144 -19.17 -5.78 -3.24
CA ALA A 144 -19.80 -7.03 -2.75
C ALA A 144 -19.90 -6.97 -1.23
N VAL A 145 -18.80 -6.65 -0.55
CA VAL A 145 -18.78 -6.59 0.93
C VAL A 145 -19.76 -5.51 1.39
N SER A 146 -19.76 -4.34 0.77
CA SER A 146 -20.68 -3.24 1.13
C SER A 146 -22.11 -3.76 0.94
N ASP A 147 -22.36 -4.38 -0.21
CA ASP A 147 -23.72 -4.74 -0.69
C ASP A 147 -24.36 -5.80 0.21
N TYR A 148 -23.65 -6.89 0.55
CA TYR A 148 -24.19 -8.14 1.15
C TYR A 148 -23.78 -8.30 2.61
N LYS A 149 -23.02 -7.36 3.16
CA LYS A 149 -22.75 -7.30 4.61
C LYS A 149 -23.55 -6.13 5.23
N GLU A 150 -23.78 -6.18 6.54
CA GLU A 150 -24.73 -5.26 7.19
C GLU A 150 -23.93 -4.21 7.97
N HIS A 151 -22.87 -4.59 8.71
CA HIS A 151 -22.13 -3.62 9.57
C HIS A 151 -20.64 -3.93 9.60
N VAL A 152 -19.88 -3.31 8.71
CA VAL A 152 -18.46 -3.65 8.48
C VAL A 152 -17.62 -2.37 8.49
N VAL A 153 -16.40 -2.46 9.01
CA VAL A 153 -15.40 -1.35 9.07
C VAL A 153 -14.54 -1.46 7.81
N PHE A 154 -14.40 -0.36 7.08
CA PHE A 154 -13.46 -0.26 5.94
C PHE A 154 -12.38 0.74 6.36
N ILE A 155 -11.14 0.27 6.44
CA ILE A 155 -9.98 1.15 6.74
C ILE A 155 -9.30 1.40 5.43
N LEU A 156 -9.19 2.68 5.04
CA LEU A 156 -8.68 3.20 3.73
C LEU A 156 -7.45 4.05 4.00
N TRP A 157 -6.27 3.49 3.71
CA TRP A 157 -4.97 4.14 3.95
C TRP A 157 -4.43 4.68 2.63
N GLY A 158 -4.19 6.00 2.56
CA GLY A 158 -3.68 6.72 1.37
C GLY A 158 -4.78 7.07 0.36
N LYS A 159 -4.55 8.05 -0.49
CA LYS A 159 -5.60 8.59 -1.40
C LYS A 159 -6.12 7.48 -2.31
N PRO A 160 -5.29 6.53 -2.80
CA PRO A 160 -5.77 5.53 -3.76
C PRO A 160 -6.88 4.66 -3.14
N ALA A 161 -6.73 4.27 -1.87
CA ALA A 161 -7.75 3.55 -1.07
C ALA A 161 -9.05 4.40 -1.01
N GLN A 162 -8.90 5.69 -0.75
CA GLN A 162 -10.01 6.63 -0.47
C GLN A 162 -10.82 6.93 -1.73
N GLN A 163 -10.29 6.60 -2.91
CA GLN A 163 -11.07 6.61 -4.17
C GLN A 163 -12.12 5.49 -4.11
N LYS A 164 -12.07 4.59 -3.12
CA LYS A 164 -13.00 3.43 -3.03
C LYS A 164 -14.20 3.75 -2.11
N ILE A 165 -14.23 4.94 -1.52
CA ILE A 165 -15.38 5.41 -0.71
C ILE A 165 -16.69 5.35 -1.53
N LYS A 166 -16.66 5.62 -2.84
CA LYS A 166 -17.89 5.62 -3.69
C LYS A 166 -18.40 4.19 -3.94
N LEU A 167 -17.70 3.16 -3.47
CA LEU A 167 -18.20 1.77 -3.56
C LEU A 167 -18.88 1.35 -2.27
N ILE A 168 -18.70 2.11 -1.19
CA ILE A 168 -18.95 1.68 0.23
C ILE A 168 -20.18 2.43 0.75
N ASP A 169 -21.31 1.74 0.91
CA ASP A 169 -22.57 2.34 1.43
C ASP A 169 -22.37 2.67 2.93
N THR A 170 -21.89 3.88 3.24
CA THR A 170 -21.59 4.36 4.61
C THR A 170 -22.90 4.71 5.36
N SER A 171 -24.05 4.53 4.71
CA SER A 171 -25.37 4.45 5.37
C SER A 171 -25.44 3.15 6.17
N LYS A 172 -24.80 2.10 5.64
CA LYS A 172 -24.78 0.73 6.20
C LYS A 172 -23.48 0.50 6.99
N HIS A 173 -22.35 1.06 6.55
CA HIS A 173 -20.98 0.67 7.01
C HIS A 173 -20.17 1.87 7.52
N CYS A 174 -19.11 1.55 8.27
CA CYS A 174 -18.12 2.49 8.85
C CYS A 174 -17.03 2.74 7.82
N ILE A 175 -16.37 3.89 7.87
CA ILE A 175 -15.13 4.17 7.09
C ILE A 175 -14.15 4.90 8.00
N ILE A 176 -13.03 4.27 8.33
CA ILE A 176 -11.89 4.91 9.01
C ILE A 176 -10.85 5.07 7.92
N LYS A 177 -10.22 6.24 7.81
CA LYS A 177 -9.47 6.66 6.61
C LYS A 177 -8.45 7.70 7.05
N SER A 178 -7.23 7.59 6.54
CA SER A 178 -6.09 8.43 6.93
C SER A 178 -5.12 8.45 5.76
N VAL A 179 -4.03 9.17 5.92
CA VAL A 179 -2.91 9.12 4.96
C VAL A 179 -2.26 7.75 5.14
N HIS A 180 -1.47 7.29 4.17
CA HIS A 180 -0.88 5.94 4.13
C HIS A 180 0.15 5.78 5.25
N PRO A 181 0.38 4.59 5.86
CA PRO A 181 1.44 4.44 6.85
C PRO A 181 2.87 4.39 6.31
N SER A 182 3.05 4.72 5.03
CA SER A 182 4.38 5.06 4.45
C SER A 182 5.07 6.10 5.33
N PRO A 183 6.41 5.98 5.51
CA PRO A 183 7.21 6.99 6.20
C PRO A 183 7.08 8.39 5.58
N LEU A 184 6.79 8.44 4.27
CA LEU A 184 6.65 9.69 3.47
C LEU A 184 5.38 10.43 3.90
N SER A 185 4.39 9.70 4.39
CA SER A 185 3.00 10.18 4.66
C SER A 185 2.66 10.06 6.15
N ALA A 186 3.27 9.12 6.88
CA ALA A 186 2.79 8.64 8.18
C ALA A 186 2.54 9.79 9.17
N TYR A 187 3.28 10.90 9.05
CA TYR A 187 3.30 12.00 10.06
C TYR A 187 2.31 13.12 9.71
N ARG A 188 1.82 13.14 8.47
CA ARG A 188 0.61 13.93 8.12
C ARG A 188 -0.64 13.13 8.56
N GLY A 189 -0.54 12.33 9.63
CA GLY A 189 -1.69 11.96 10.49
C GLY A 189 -2.14 10.51 10.43
N PHE A 190 -1.27 9.54 10.09
CA PHE A 190 -1.57 8.08 10.28
C PHE A 190 -1.28 7.75 11.74
N PHE A 191 -0.08 8.09 12.22
CA PHE A 191 0.25 8.11 13.66
C PHE A 191 -0.79 8.94 14.40
N GLY A 192 -1.25 8.44 15.55
CA GLY A 192 -2.33 9.04 16.34
C GLY A 192 -3.71 8.79 15.76
N SER A 193 -3.83 8.25 14.54
CA SER A 193 -5.15 8.00 13.90
C SER A 193 -5.90 6.89 14.68
N LYS A 194 -5.20 5.94 15.28
CA LYS A 194 -5.81 4.93 16.19
C LYS A 194 -6.97 4.25 15.47
N PRO A 195 -6.72 3.53 14.36
CA PRO A 195 -7.80 2.93 13.59
C PRO A 195 -8.18 1.55 14.15
N TYR A 196 -7.29 0.90 14.87
CA TYR A 196 -7.50 -0.45 15.47
C TYR A 196 -8.57 -0.34 16.59
N SER A 197 -8.37 0.58 17.54
CA SER A 197 -9.31 0.87 18.65
C SER A 197 -10.63 1.37 18.07
N LYS A 198 -10.55 2.32 17.13
CA LYS A 198 -11.73 2.93 16.44
C LYS A 198 -12.58 1.81 15.84
N ALA A 199 -11.97 0.97 15.01
CA ALA A 199 -12.60 -0.22 14.42
C ALA A 199 -13.38 -1.00 15.49
N ASN A 200 -12.77 -1.22 16.66
CA ASN A 200 -13.32 -2.09 17.74
C ASN A 200 -14.47 -1.38 18.45
N THR A 201 -14.31 -0.08 18.80
CA THR A 201 -15.38 0.82 19.27
C THR A 201 -16.59 0.66 18.33
N TYR A 202 -16.41 0.79 17.02
CA TYR A 202 -17.50 0.60 16.05
C TYR A 202 -18.09 -0.81 16.12
N LEU A 203 -17.27 -1.84 16.34
CA LEU A 203 -17.79 -3.24 16.24
C LEU A 203 -18.56 -3.56 17.51
N GLU A 204 -17.95 -3.23 18.67
CA GLU A 204 -18.59 -3.25 20.00
C GLU A 204 -19.96 -2.58 19.89
N SER A 205 -20.04 -1.45 19.18
CA SER A 205 -21.26 -0.60 19.06
C SER A 205 -22.35 -1.27 18.19
N VAL A 206 -22.02 -2.24 17.33
CA VAL A 206 -23.06 -2.97 16.55
C VAL A 206 -23.18 -4.41 17.11
N GLY A 207 -22.83 -4.60 18.39
CA GLY A 207 -22.90 -5.89 19.11
C GLY A 207 -22.07 -7.00 18.44
N LYS A 208 -20.86 -6.69 17.98
CA LYS A 208 -19.94 -7.66 17.36
C LYS A 208 -18.70 -7.73 18.25
N SER A 209 -18.14 -8.93 18.38
CA SER A 209 -16.93 -9.21 19.19
C SER A 209 -15.78 -8.39 18.60
N PRO A 210 -14.98 -7.63 19.38
CA PRO A 210 -13.89 -6.85 18.79
C PRO A 210 -12.76 -7.73 18.23
N ILE A 211 -11.99 -7.17 17.29
CA ILE A 211 -10.75 -7.76 16.71
C ILE A 211 -9.66 -7.76 17.79
N ASN A 212 -9.15 -8.94 18.14
CA ASN A 212 -7.87 -9.10 18.85
C ASN A 212 -6.76 -8.83 17.83
N TRP A 213 -6.06 -7.70 17.96
CA TRP A 213 -4.98 -7.25 17.04
C TRP A 213 -3.64 -7.90 17.39
N CYS A 214 -3.49 -8.50 18.57
CA CYS A 214 -2.20 -8.92 19.18
C CYS A 214 -1.99 -10.42 19.00
N GLU A 215 -0.88 -10.97 19.53
CA GLU A 215 -0.53 -12.41 19.53
C GLU A 215 -0.87 -13.01 20.90
N LYS B 2 19.08 2.16 -10.27
CA LYS B 2 20.34 2.06 -9.48
C LYS B 2 21.13 3.36 -9.63
N GLN B 3 21.08 4.01 -10.80
CA GLN B 3 21.78 5.29 -11.13
C GLN B 3 21.53 6.29 -10.00
N ILE B 4 20.31 6.78 -9.88
CA ILE B 4 19.92 7.85 -8.91
C ILE B 4 19.88 7.26 -7.51
N LYS B 5 19.38 6.03 -7.37
CA LYS B 5 19.31 5.33 -6.07
C LYS B 5 20.71 5.36 -5.44
N ALA B 6 21.70 4.71 -6.06
CA ALA B 6 23.09 4.62 -5.54
C ALA B 6 23.53 6.00 -5.02
N HIS B 7 23.56 7.01 -5.91
CA HIS B 7 24.03 8.40 -5.61
C HIS B 7 23.33 8.91 -4.34
N LEU B 8 21.99 9.00 -4.37
CA LEU B 8 21.16 9.56 -3.26
C LEU B 8 21.48 8.85 -1.95
N THR B 9 21.86 7.58 -2.00
CA THR B 9 22.16 6.73 -0.82
C THR B 9 23.62 6.97 -0.40
N ARG B 10 24.59 6.83 -1.32
CA ARG B 10 26.02 7.15 -1.05
C ARG B 10 26.09 8.47 -0.30
N TYR B 11 25.41 9.51 -0.80
CA TYR B 11 25.45 10.88 -0.22
C TYR B 11 25.00 10.85 1.24
N LEU B 12 23.75 10.42 1.50
CA LEU B 12 23.10 10.46 2.83
C LEU B 12 23.91 9.67 3.87
N GLU B 13 24.48 8.51 3.47
CA GLU B 13 25.41 7.72 4.33
C GLU B 13 26.49 8.65 4.88
N GLU B 14 27.28 9.24 3.97
CA GLU B 14 28.53 9.98 4.27
C GLU B 14 28.20 11.34 4.89
N ILE B 15 26.95 11.80 4.88
CA ILE B 15 26.52 13.05 5.59
C ILE B 15 25.70 12.67 6.84
N GLN B 21 26.61 0.38 3.27
CA GLN B 21 25.61 -0.73 3.40
C GLN B 21 24.51 -0.59 2.32
N GLU B 22 23.76 -1.67 2.04
CA GLU B 22 22.83 -1.78 0.88
C GLU B 22 21.36 -1.54 1.31
N TYR B 23 20.43 -1.55 0.33
CA TYR B 23 19.04 -1.06 0.45
C TYR B 23 18.07 -1.86 -0.42
N LEU B 24 16.85 -2.10 0.05
CA LEU B 24 15.69 -2.57 -0.78
C LEU B 24 14.73 -1.39 -1.03
N THR B 25 13.69 -1.65 -1.83
CA THR B 25 12.72 -0.65 -2.38
C THR B 25 11.26 -1.03 -2.05
N GLU B 26 10.57 -0.13 -1.33
CA GLU B 26 9.11 -0.19 -1.06
C GLU B 26 8.40 0.81 -1.97
N PHE B 27 7.46 0.31 -2.76
CA PHE B 27 6.62 1.06 -3.72
C PHE B 27 5.24 1.31 -3.08
N VAL B 28 4.80 2.56 -3.13
CA VAL B 28 3.49 3.04 -2.59
C VAL B 28 2.97 4.17 -3.48
N GLN B 29 1.69 4.13 -3.78
CA GLN B 29 1.01 5.27 -4.43
C GLN B 29 0.47 6.20 -3.33
N LEU B 30 0.72 7.49 -3.45
CA LEU B 30 0.36 8.51 -2.44
C LEU B 30 -0.27 9.68 -3.17
N GLY B 31 -1.37 10.20 -2.61
CA GLY B 31 -1.77 11.59 -2.91
C GLY B 31 -0.54 12.46 -2.77
N ILE B 32 -0.32 13.37 -3.73
CA ILE B 32 0.75 14.40 -3.61
C ILE B 32 0.65 15.00 -2.19
N GLU B 33 -0.59 15.22 -1.73
CA GLU B 33 -1.01 15.92 -0.48
C GLU B 33 -0.45 15.19 0.74
N GLU B 34 -0.20 13.89 0.65
CA GLU B 34 0.10 13.03 1.82
C GLU B 34 1.50 13.34 2.32
N LEU B 35 2.38 13.77 1.40
CA LEU B 35 3.80 14.15 1.66
C LEU B 35 3.82 15.43 2.49
N ALA B 36 4.89 15.66 3.23
CA ALA B 36 5.08 16.89 4.06
C ALA B 36 5.68 18.01 3.20
N TRP B 37 4.83 18.88 2.70
CA TRP B 37 5.25 20.08 1.97
C TRP B 37 5.75 21.08 3.00
N GLY B 38 4.98 21.26 4.08
CA GLY B 38 5.27 22.21 5.16
C GLY B 38 4.94 23.63 4.72
N GLU B 39 5.98 24.46 4.56
CA GLU B 39 5.89 25.87 4.05
C GLU B 39 5.26 25.86 2.65
N ARG B 40 5.75 24.98 1.76
CA ARG B 40 5.61 25.07 0.27
C ARG B 40 4.16 24.83 -0.13
N LYS B 41 3.59 25.72 -0.94
CA LYS B 41 2.35 25.43 -1.72
C LYS B 41 2.69 24.22 -2.61
N ILE B 42 1.71 23.38 -2.90
CA ILE B 42 1.92 22.23 -3.83
C ILE B 42 1.88 22.81 -5.25
N PRO B 43 2.92 22.55 -6.06
CA PRO B 43 2.93 22.96 -7.46
C PRO B 43 1.54 22.79 -8.11
N GLU B 44 1.11 23.81 -8.82
CA GLU B 44 -0.23 23.88 -9.46
C GLU B 44 -0.49 22.63 -10.29
N LYS B 45 0.45 22.25 -11.17
CA LYS B 45 0.27 21.22 -12.23
C LYS B 45 0.27 19.80 -11.61
N LEU B 46 0.61 19.70 -10.31
CA LEU B 46 0.69 18.46 -9.49
C LEU B 46 -0.53 18.27 -8.57
N LYS B 47 -1.32 19.32 -8.30
CA LYS B 47 -2.38 19.29 -7.26
C LYS B 47 -3.37 18.17 -7.62
N GLY B 48 -3.67 17.30 -6.65
CA GLY B 48 -4.59 16.14 -6.81
C GLY B 48 -4.00 15.08 -7.73
N ALA B 49 -2.71 14.79 -7.58
CA ALA B 49 -1.98 13.75 -8.34
C ALA B 49 -1.75 12.55 -7.43
N ILE B 50 -1.96 11.35 -7.98
CA ILE B 50 -1.55 10.05 -7.35
C ILE B 50 -0.20 9.68 -7.97
N ILE B 51 0.84 9.59 -7.15
CA ILE B 51 2.27 9.57 -7.58
C ILE B 51 2.88 8.26 -7.12
N ASP B 52 3.79 7.69 -7.90
CA ASP B 52 4.46 6.42 -7.56
C ASP B 52 5.63 6.85 -6.69
N THR B 53 5.86 6.22 -5.54
CA THR B 53 6.99 6.54 -4.65
C THR B 53 7.78 5.28 -4.39
N TYR B 54 9.10 5.38 -4.46
CA TYR B 54 10.04 4.28 -4.16
C TYR B 54 10.87 4.70 -2.95
N THR B 55 10.62 4.13 -1.77
CA THR B 55 11.41 4.41 -0.55
C THR B 55 12.47 3.32 -0.34
N PHE B 56 13.75 3.71 -0.21
CA PHE B 56 14.88 2.77 -0.02
C PHE B 56 15.15 2.53 1.48
N TYR B 57 15.50 1.31 1.89
CA TYR B 57 15.59 1.00 3.35
C TYR B 57 16.46 -0.23 3.63
N ASP B 58 16.76 -0.43 4.92
CA ASP B 58 17.28 -1.68 5.53
C ASP B 58 17.05 -1.62 7.05
N HIS B 59 17.18 -2.77 7.73
CA HIS B 59 16.73 -3.02 9.14
C HIS B 59 17.89 -2.85 10.11
N SER B 60 18.96 -2.17 9.67
CA SER B 60 19.93 -1.45 10.52
C SER B 60 19.21 -0.22 11.11
N LEU B 61 18.21 0.31 10.40
CA LEU B 61 17.36 1.47 10.79
C LEU B 61 15.92 0.98 11.03
N ILE B 66 15.68 6.81 9.27
CA ILE B 66 16.14 7.56 8.06
C ILE B 66 15.81 6.78 6.78
N TYR B 67 15.10 7.41 5.85
CA TYR B 67 14.64 6.80 4.59
C TYR B 67 14.78 7.82 3.45
N SER B 68 15.48 7.46 2.40
CA SER B 68 15.52 8.22 1.14
C SER B 68 14.35 7.76 0.26
N PHE B 69 13.98 8.51 -0.76
CA PHE B 69 12.99 8.08 -1.77
C PHE B 69 13.08 8.89 -3.06
N ILE B 70 12.32 8.41 -4.05
CA ILE B 70 12.08 9.07 -5.37
C ILE B 70 10.60 8.96 -5.69
N GLY B 71 9.96 10.08 -6.03
CA GLY B 71 8.61 10.11 -6.60
C GLY B 71 8.65 10.24 -8.10
N THR B 72 7.59 9.82 -8.78
CA THR B 72 7.42 9.96 -10.25
C THR B 72 5.93 10.12 -10.55
N TYR B 73 5.63 10.68 -11.70
CA TYR B 73 4.25 10.87 -12.17
C TYR B 73 4.33 11.03 -13.68
N GLN B 74 3.40 10.38 -14.39
CA GLN B 74 3.46 10.13 -15.84
C GLN B 74 4.90 9.82 -16.25
N GLY B 75 5.50 8.80 -15.62
CA GLY B 75 6.84 8.28 -15.94
C GLY B 75 7.88 9.39 -16.03
N LYS B 76 7.82 10.34 -15.10
CA LYS B 76 8.83 11.43 -14.99
C LYS B 76 9.18 11.58 -13.50
N ILE B 77 10.47 11.68 -13.19
CA ILE B 77 10.96 11.92 -11.80
C ILE B 77 10.47 13.29 -11.37
N ILE B 78 9.83 13.42 -10.22
CA ILE B 78 9.20 14.71 -9.81
C ILE B 78 9.72 15.08 -8.43
N LEU B 79 10.08 14.07 -7.64
CA LEU B 79 10.54 14.27 -6.25
C LEU B 79 11.73 13.35 -6.04
N VAL B 80 12.68 13.84 -5.24
CA VAL B 80 13.75 13.04 -4.59
C VAL B 80 13.90 13.62 -3.20
N GLY B 81 13.99 12.82 -2.16
CA GLY B 81 14.09 13.39 -0.80
C GLY B 81 14.59 12.39 0.21
N TYR B 82 14.63 12.78 1.47
CA TYR B 82 14.89 11.86 2.60
C TYR B 82 13.94 12.24 3.73
N THR B 83 13.68 11.31 4.64
CA THR B 83 12.86 11.55 5.85
C THR B 83 13.67 11.23 7.10
N ASN B 84 13.33 11.92 8.18
CA ASN B 84 13.86 11.73 9.55
C ASN B 84 12.73 12.03 10.55
N GLY B 85 11.79 11.09 10.69
CA GLY B 85 10.54 11.24 11.45
C GLY B 85 9.56 12.16 10.75
N GLU B 86 9.22 13.29 11.39
CA GLU B 86 8.25 14.30 10.89
C GLU B 86 8.87 15.06 9.72
N TYR B 87 10.20 15.16 9.70
CA TYR B 87 11.02 16.02 8.81
C TYR B 87 11.34 15.31 7.49
N GLU B 88 10.60 15.63 6.42
CA GLU B 88 11.00 15.41 5.00
C GLU B 88 11.82 16.62 4.53
N HIS B 89 12.84 16.38 3.70
CA HIS B 89 13.53 17.38 2.85
C HIS B 89 13.47 16.88 1.40
N PHE B 90 13.15 17.76 0.45
CA PHE B 90 13.23 17.48 -1.01
C PHE B 90 14.56 18.04 -1.52
N PHE B 91 15.34 17.17 -2.13
CA PHE B 91 16.53 17.54 -2.91
C PHE B 91 16.07 17.96 -4.30
N TYR B 92 14.87 17.59 -4.69
CA TYR B 92 14.41 17.79 -6.08
C TYR B 92 12.89 17.86 -6.10
N ILE B 93 12.35 18.86 -6.78
CA ILE B 93 10.89 19.03 -7.01
C ILE B 93 10.74 19.44 -8.46
N ASN B 94 9.97 18.68 -9.21
CA ASN B 94 9.65 18.99 -10.61
C ASN B 94 8.15 18.75 -10.82
N ASP B 95 7.53 19.54 -11.71
CA ASP B 95 6.07 19.69 -11.82
C ASP B 95 5.60 19.04 -13.13
N THR B 96 6.41 18.15 -13.70
CA THR B 96 6.31 17.54 -15.07
C THR B 96 6.92 18.51 -16.09
N VAL B 97 6.63 19.81 -15.98
CA VAL B 97 6.97 20.81 -17.03
C VAL B 97 8.32 21.48 -16.72
N LYS B 98 8.71 21.63 -15.46
CA LYS B 98 9.90 22.41 -15.06
C LYS B 98 10.33 22.02 -13.64
N THR B 99 11.63 22.03 -13.36
CA THR B 99 12.18 21.89 -12.00
C THR B 99 11.96 23.20 -11.26
N LEU B 100 11.33 23.14 -10.08
CA LEU B 100 11.09 24.32 -9.21
C LEU B 100 12.22 24.44 -8.18
N HIS B 101 12.67 23.32 -7.60
CA HIS B 101 13.83 23.25 -6.66
C HIS B 101 14.82 22.16 -7.10
N SER B 102 16.13 22.40 -7.00
CA SER B 102 17.16 21.34 -7.18
C SER B 102 18.33 21.53 -6.20
N GLU B 103 18.87 20.42 -5.67
CA GLU B 103 20.14 20.34 -4.90
C GLU B 103 20.90 19.13 -5.45
N LEU B 104 20.64 18.77 -6.71
CA LEU B 104 21.19 17.52 -7.29
C LEU B 104 22.72 17.54 -7.18
N HIS B 105 23.33 18.74 -7.22
CA HIS B 105 24.80 18.98 -7.15
C HIS B 105 25.40 18.31 -5.91
N LEU B 106 24.72 18.42 -4.75
CA LEU B 106 25.01 17.64 -3.51
C LEU B 106 25.18 16.16 -3.90
N LEU B 107 24.20 15.61 -4.63
CA LEU B 107 24.14 14.15 -4.94
C LEU B 107 25.01 13.82 -6.14
N ASN B 108 25.85 14.78 -6.60
CA ASN B 108 26.63 14.67 -7.86
C ASN B 108 25.71 14.10 -8.93
N LEU B 109 24.59 14.79 -9.18
CA LEU B 109 23.64 14.44 -10.26
C LEU B 109 23.25 15.70 -11.04
N THR B 110 22.96 15.53 -12.31
CA THR B 110 22.43 16.59 -13.20
C THR B 110 20.94 16.29 -13.45
N GLU B 111 20.20 17.31 -13.88
CA GLU B 111 18.86 17.18 -14.50
C GLU B 111 18.83 16.15 -15.62
N GLU B 112 19.95 16.03 -16.36
CA GLU B 112 20.08 15.19 -17.57
C GLU B 112 20.32 13.74 -17.14
N ASP B 113 20.76 13.50 -15.91
CA ASP B 113 20.80 12.14 -15.30
C ASP B 113 19.38 11.66 -15.05
N LEU B 114 18.39 12.57 -15.03
CA LEU B 114 16.95 12.24 -14.81
C LEU B 114 16.23 12.04 -16.15
N GLU B 115 16.29 12.97 -17.12
CA GLU B 115 15.63 12.77 -18.43
C GLU B 115 16.12 11.44 -19.03
N PHE B 116 17.30 10.95 -18.60
CA PHE B 116 17.96 9.71 -19.13
C PHE B 116 18.04 8.60 -18.06
N VAL B 117 16.89 8.03 -17.65
CA VAL B 117 16.82 6.77 -16.83
C VAL B 117 15.37 6.27 -16.85
C1 EDO C . -12.86 -7.01 -17.00
O1 EDO C . -13.05 -8.35 -17.36
C2 EDO C . -11.44 -6.63 -17.08
O2 EDO C . -11.18 -5.54 -16.22
H11 EDO C . -13.17 -6.86 -16.07
H12 EDO C . -13.37 -6.42 -17.59
HO1 EDO C . -13.89 -8.49 -17.35
H21 EDO C . -11.21 -6.39 -18.00
H22 EDO C . -10.88 -7.40 -16.81
HO2 EDO C . -11.52 -4.83 -16.56
S SO4 D . -23.35 -8.74 8.89
O1 SO4 D . -23.83 -9.35 7.67
O2 SO4 D . -22.86 -7.41 8.63
O3 SO4 D . -24.41 -8.68 9.87
O4 SO4 D . -22.29 -9.55 9.43
#